data_5NX5
#
_entry.id   5NX5
#
_cell.length_a   139.370
_cell.length_b   139.370
_cell.length_c   86.060
_cell.angle_alpha   90.00
_cell.angle_beta   90.00
_cell.angle_gamma   90.00
#
_symmetry.space_group_name_H-M   'I 4'
#
loop_
_entity.id
_entity.type
_entity.pdbx_description
1 polymer 'Pentalenene synthase'
2 non-polymer 'MAGNESIUM ION'
3 non-polymer '(2Z)-2-fluoro-3,7-dimethylocta-2,6-dien-1-yl trihydrogen diphosphate'
4 non-polymer 'CHLORIDE ION'
5 non-polymer GLYCEROL
6 non-polymer 'PHOSPHATE ION'
7 water water
#
_entity_poly.entity_id   1
_entity_poly.type   'polypeptide(L)'
_entity_poly.pdbx_seq_one_letter_code
;MQEFEFAVPAPSRVSPDLARARARHLDWVHAMDLVRGEEARRRYEFSCVADIGAYGYPHATGADLDLCVDVLGWTFLFDD
QFDAGDGRERDALAVCAELTDLLWKGTAATAASPPIVVAFSDCWERMRAGMSDAWRRRTVHEWVDYLAGWPTKLADRAHG
AVLDPAAHLRARHRTICCRPLFALAERVGGYEVPRRAWHSSRLDGMRFTTSDAVIGMNELHSFEKDRAQGHANLVLSLVH
HGGLTGPEAVTRVCDLVQGSIESFLRLRSGLPELGRALGVEGAVLDRYADALSAFCRGYHDWGRGASRYTTRDHPGDLGL
ENLVARSSG
;
_entity_poly.pdbx_strand_id   A,B
#
loop_
_chem_comp.id
_chem_comp.type
_chem_comp.name
_chem_comp.formula
0FV non-polymer '(2Z)-2-fluoro-3,7-dimethylocta-2,6-dien-1-yl trihydrogen diphosphate' 'C10 H19 F O7 P2'
CL non-polymer 'CHLORIDE ION' 'Cl -1'
GOL non-polymer GLYCEROL 'C3 H8 O3'
MG non-polymer 'MAGNESIUM ION' 'Mg 2'
PO4 non-polymer 'PHOSPHATE ION' 'O4 P -3'
#
# COMPACT_ATOMS: atom_id res chain seq x y z
N ARG A 13 -13.03 -27.95 3.59
CA ARG A 13 -12.02 -28.82 4.18
C ARG A 13 -11.48 -28.22 5.47
N VAL A 14 -11.09 -29.08 6.41
CA VAL A 14 -10.41 -28.67 7.63
C VAL A 14 -9.22 -29.60 7.87
N SER A 15 -8.14 -29.06 8.41
CA SER A 15 -6.97 -29.90 8.63
C SER A 15 -7.32 -31.07 9.55
N PRO A 16 -6.82 -32.29 9.27
CA PRO A 16 -7.11 -33.41 10.18
C PRO A 16 -6.36 -33.33 11.53
N ASP A 17 -5.41 -32.41 11.68
CA ASP A 17 -4.62 -32.34 12.91
C ASP A 17 -5.16 -31.26 13.88
N LEU A 18 -6.43 -30.88 13.75
CA LEU A 18 -6.93 -29.73 14.50
C LEU A 18 -6.98 -30.00 16.02
N ALA A 19 -7.34 -31.19 16.46
CA ALA A 19 -7.51 -31.41 17.90
C ALA A 19 -6.22 -31.14 18.67
N ARG A 20 -5.10 -31.71 18.22
CA ARG A 20 -3.83 -31.45 18.89
C ARG A 20 -3.45 -29.99 18.77
N ALA A 21 -3.61 -29.44 17.57
CA ALA A 21 -3.19 -28.06 17.35
C ALA A 21 -3.98 -27.10 18.25
N ARG A 22 -5.27 -27.34 18.42
CA ARG A 22 -6.07 -26.46 19.26
C ARG A 22 -5.57 -26.46 20.69
N ALA A 23 -5.33 -27.65 21.24
CA ALA A 23 -4.89 -27.73 22.63
C ALA A 23 -3.53 -27.08 22.81
N ARG A 24 -2.63 -27.29 21.84
CA ARG A 24 -1.33 -26.66 21.90
C ARG A 24 -1.45 -25.13 21.88
N HIS A 25 -2.28 -24.61 20.99
CA HIS A 25 -2.40 -23.16 20.85
C HIS A 25 -2.99 -22.52 22.13
N LEU A 26 -3.94 -23.18 22.77
CA LEU A 26 -4.45 -22.64 24.03
C LEU A 26 -3.35 -22.56 25.08
N ASP A 27 -2.43 -23.55 25.11
CA ASP A 27 -1.28 -23.45 26.01
C ASP A 27 -0.35 -22.32 25.59
N TRP A 28 -0.17 -22.14 24.28
CA TRP A 28 0.75 -21.12 23.78
C TRP A 28 0.31 -19.71 24.14
N VAL A 29 -0.99 -19.40 24.00
CA VAL A 29 -1.46 -18.06 24.37
C VAL A 29 -1.32 -17.83 25.87
N HIS A 30 -1.45 -18.89 26.67
CA HIS A 30 -1.18 -18.77 28.09
C HIS A 30 0.30 -18.51 28.35
N ALA A 31 1.17 -19.28 27.68
CA ALA A 31 2.61 -19.17 27.88
C ALA A 31 3.16 -17.83 27.37
N MET A 32 2.57 -17.27 26.32
CA MET A 32 2.94 -15.96 25.82
C MET A 32 2.32 -14.83 26.64
N ASP A 33 1.52 -15.16 27.65
CA ASP A 33 0.88 -14.17 28.53
C ASP A 33 -0.09 -13.28 27.76
N LEU A 34 -0.69 -13.84 26.70
CA LEU A 34 -1.69 -13.14 25.91
C LEU A 34 -3.11 -13.32 26.44
N VAL A 35 -3.40 -14.51 26.95
CA VAL A 35 -4.73 -14.86 27.45
C VAL A 35 -4.50 -15.41 28.84
N ARG A 36 -4.82 -14.60 29.86
CA ARG A 36 -4.51 -14.86 31.26
C ARG A 36 -5.79 -15.02 32.07
N GLY A 37 -5.96 -16.19 32.67
CA GLY A 37 -7.06 -16.31 33.62
C GLY A 37 -8.14 -17.24 33.10
N GLU A 38 -8.87 -17.85 34.04
CA GLU A 38 -9.87 -18.84 33.65
C GLU A 38 -10.93 -18.23 32.74
N GLU A 39 -11.42 -17.04 33.10
CA GLU A 39 -12.47 -16.43 32.29
C GLU A 39 -11.99 -16.11 30.88
N ALA A 40 -10.82 -15.45 30.77
CA ALA A 40 -10.29 -15.12 29.45
C ALA A 40 -10.02 -16.37 28.63
N ARG A 41 -9.50 -17.43 29.27
CA ARG A 41 -9.22 -18.65 28.52
C ARG A 41 -10.51 -19.24 27.96
N ARG A 42 -11.55 -19.29 28.79
CA ARG A 42 -12.85 -19.80 28.35
C ARG A 42 -13.42 -18.94 27.22
N ARG A 43 -13.42 -17.62 27.38
CA ARG A 43 -13.88 -16.73 26.32
C ARG A 43 -13.12 -16.97 25.02
N TYR A 44 -11.79 -17.06 25.11
CA TYR A 44 -10.97 -17.25 23.92
C TYR A 44 -11.28 -18.60 23.26
N GLU A 45 -11.41 -19.66 24.05
CA GLU A 45 -11.74 -20.96 23.48
C GLU A 45 -13.13 -20.93 22.84
N PHE A 46 -14.10 -20.28 23.49
CA PHE A 46 -15.45 -20.22 22.93
C PHE A 46 -15.46 -19.50 21.59
N SER A 47 -14.54 -18.57 21.37
CA SER A 47 -14.51 -17.76 20.16
C SER A 47 -14.13 -18.56 18.92
N CYS A 48 -13.49 -19.72 19.08
CA CYS A 48 -13.03 -20.60 18.02
C CYS A 48 -12.00 -19.95 17.14
N VAL A 49 -11.42 -18.83 17.58
CA VAL A 49 -10.25 -18.29 16.90
C VAL A 49 -9.14 -19.33 16.87
N ALA A 50 -9.09 -20.24 17.85
CA ALA A 50 -8.04 -21.27 17.84
C ALA A 50 -8.21 -22.30 16.71
N ASP A 51 -9.25 -22.17 15.88
CA ASP A 51 -9.54 -23.14 14.82
C ASP A 51 -9.35 -22.60 13.41
N ILE A 52 -9.36 -21.27 13.24
CA ILE A 52 -9.40 -20.74 11.88
C ILE A 52 -8.19 -21.20 11.08
N GLY A 53 -7.04 -21.37 11.74
CA GLY A 53 -5.86 -21.78 10.98
C GLY A 53 -6.09 -23.11 10.28
N ALA A 54 -6.88 -24.00 10.87
CA ALA A 54 -7.13 -25.29 10.24
C ALA A 54 -8.14 -25.19 9.10
N TYR A 55 -8.99 -24.16 9.10
CA TYR A 55 -9.92 -23.96 7.98
C TYR A 55 -9.22 -23.26 6.82
N GLY A 56 -8.42 -22.26 7.14
CA GLY A 56 -7.74 -21.44 6.13
C GLY A 56 -6.58 -22.13 5.44
N TYR A 57 -5.98 -23.12 6.11
CA TYR A 57 -4.86 -23.89 5.57
C TYR A 57 -5.17 -25.37 5.73
N PRO A 58 -6.12 -25.90 4.96
CA PRO A 58 -6.71 -27.20 5.29
C PRO A 58 -5.78 -28.36 5.03
N HIS A 59 -4.65 -28.17 4.36
CA HIS A 59 -3.69 -29.24 4.17
C HIS A 59 -2.55 -29.20 5.16
N ALA A 60 -2.45 -28.13 5.97
CA ALA A 60 -1.38 -28.05 6.95
C ALA A 60 -1.64 -29.00 8.12
N THR A 61 -0.57 -29.58 8.64
CA THR A 61 -0.61 -30.46 9.79
C THR A 61 0.60 -30.16 10.66
N GLY A 62 0.62 -30.73 11.84
CA GLY A 62 1.80 -30.66 12.70
C GLY A 62 2.25 -29.22 12.98
N ALA A 63 3.58 -29.03 12.96
CA ALA A 63 4.17 -27.71 13.28
C ALA A 63 3.75 -26.62 12.29
N ASP A 64 3.56 -26.98 11.03
CA ASP A 64 3.06 -26.00 10.06
C ASP A 64 1.68 -25.52 10.46
N LEU A 65 0.78 -26.44 10.82
CA LEU A 65 -0.55 -26.05 11.27
C LEU A 65 -0.47 -25.21 12.56
N ASP A 66 0.41 -25.59 13.49
CA ASP A 66 0.58 -24.79 14.70
C ASP A 66 0.90 -23.34 14.37
N LEU A 67 1.78 -23.14 13.40
CA LEU A 67 2.16 -21.80 13.00
C LEU A 67 0.97 -21.05 12.45
N CYS A 68 0.17 -21.70 11.60
CA CYS A 68 -1.02 -21.04 11.07
C CYS A 68 -1.97 -20.67 12.18
N VAL A 69 -2.20 -21.60 13.10
CA VAL A 69 -3.13 -21.33 14.20
C VAL A 69 -2.60 -20.21 15.06
N ASP A 70 -1.29 -20.23 15.38
CA ASP A 70 -0.73 -19.20 16.25
C ASP A 70 -0.81 -17.82 15.58
N VAL A 71 -0.49 -17.74 14.30
CA VAL A 71 -0.48 -16.44 13.63
C VAL A 71 -1.89 -15.89 13.54
N LEU A 72 -2.85 -16.74 13.13
CA LEU A 72 -4.22 -16.27 13.07
C LEU A 72 -4.70 -15.79 14.44
N GLY A 73 -4.43 -16.57 15.47
CA GLY A 73 -4.86 -16.17 16.81
C GLY A 73 -4.19 -14.87 17.24
N TRP A 74 -2.91 -14.73 16.92
CA TRP A 74 -2.19 -13.48 17.18
C TRP A 74 -2.90 -12.28 16.53
N THR A 75 -3.34 -12.41 15.27
CA THR A 75 -3.98 -11.25 14.64
C THR A 75 -5.27 -10.90 15.35
N PHE A 76 -6.00 -11.90 15.88
CA PHE A 76 -7.21 -11.59 16.62
C PHE A 76 -6.89 -10.90 17.94
N LEU A 77 -5.85 -11.37 18.60
CA LEU A 77 -5.49 -10.79 19.88
C LEU A 77 -4.90 -9.39 19.71
N PHE A 78 -4.19 -9.16 18.62
CA PHE A 78 -3.71 -7.81 18.30
C PHE A 78 -4.88 -6.86 18.07
N ASP A 79 -5.84 -7.30 17.25
CA ASP A 79 -7.04 -6.52 16.99
C ASP A 79 -7.77 -6.15 18.29
N ASP A 80 -7.81 -7.08 19.25
CA ASP A 80 -8.48 -6.83 20.53
C ASP A 80 -7.86 -5.66 21.31
N GLN A 81 -6.57 -5.41 21.12
CA GLN A 81 -5.89 -4.29 21.78
C GLN A 81 -6.59 -2.96 21.53
N PHE A 82 -6.95 -2.72 20.27
CA PHE A 82 -7.49 -1.42 19.88
C PHE A 82 -8.91 -1.21 20.38
N ASP A 83 -9.65 -2.29 20.67
CA ASP A 83 -11.02 -2.16 21.15
C ASP A 83 -11.13 -2.18 22.68
N ARG A 88 -5.43 3.72 26.41
CA ARG A 88 -4.27 2.90 26.08
C ARG A 88 -4.00 2.92 24.57
N GLU A 89 -4.23 4.07 23.95
CA GLU A 89 -3.95 4.23 22.52
C GLU A 89 -2.45 4.40 22.30
N ARG A 90 -1.78 5.14 23.18
CA ARG A 90 -0.33 5.29 23.08
C ARG A 90 0.37 3.94 23.21
N ASP A 91 -0.16 3.04 24.03
CA ASP A 91 0.42 1.70 24.15
C ASP A 91 0.35 0.95 22.84
N ALA A 92 -0.83 0.96 22.20
CA ALA A 92 -0.95 0.25 20.94
C ALA A 92 -0.03 0.83 19.87
N LEU A 93 0.09 2.16 19.81
CA LEU A 93 1.00 2.77 18.84
C LEU A 93 2.45 2.40 19.14
N ALA A 94 2.81 2.33 20.43
CA ALA A 94 4.15 1.91 20.78
C ALA A 94 4.43 0.50 20.29
N VAL A 95 3.42 -0.38 20.33
CA VAL A 95 3.60 -1.73 19.83
C VAL A 95 3.83 -1.72 18.32
N CYS A 96 3.04 -0.91 17.59
CA CYS A 96 3.24 -0.84 16.15
C CYS A 96 4.67 -0.44 15.81
N ALA A 97 5.23 0.52 16.56
CA ALA A 97 6.59 1.00 16.28
C ALA A 97 7.62 -0.07 16.64
N GLU A 98 7.44 -0.77 17.76
CA GLU A 98 8.40 -1.81 18.13
C GLU A 98 8.36 -2.96 17.12
N LEU A 99 7.17 -3.36 16.70
CA LEU A 99 7.05 -4.42 15.69
C LEU A 99 7.62 -3.98 14.34
N THR A 100 7.39 -2.73 13.96
CA THR A 100 7.97 -2.24 12.71
C THR A 100 9.49 -2.34 12.76
N ASP A 101 10.09 -1.95 13.87
CA ASP A 101 11.54 -1.97 13.98
C ASP A 101 12.07 -3.40 13.95
N LEU A 102 11.40 -4.31 14.67
CA LEU A 102 11.76 -5.72 14.67
C LEU A 102 11.77 -6.28 13.25
N LEU A 103 10.76 -5.95 12.47
CA LEU A 103 10.64 -6.47 11.12
C LEU A 103 11.67 -5.81 10.19
N TRP A 104 11.77 -4.48 10.24
CA TRP A 104 12.68 -3.74 9.34
C TRP A 104 14.14 -3.99 9.66
N LYS A 105 14.48 -4.01 10.95
CA LYS A 105 15.87 -4.05 11.40
C LYS A 105 16.30 -5.38 12.01
N GLY A 106 15.38 -6.28 12.32
CA GLY A 106 15.68 -7.49 13.05
C GLY A 106 15.92 -7.27 14.54
N THR A 107 15.38 -6.19 15.12
CA THR A 107 15.62 -5.93 16.53
C THR A 107 14.86 -6.95 17.36
N ALA A 108 15.49 -7.41 18.43
CA ALA A 108 14.93 -8.52 19.20
C ALA A 108 13.95 -8.02 20.24
N ALA A 109 12.91 -8.81 20.47
CA ALA A 109 12.08 -8.64 21.65
C ALA A 109 12.95 -8.77 22.90
N THR A 110 12.68 -7.93 23.88
CA THR A 110 13.42 -7.89 25.13
C THR A 110 12.48 -8.25 26.27
N ALA A 111 13.04 -8.24 27.48
CA ALA A 111 12.24 -8.51 28.67
C ALA A 111 11.24 -7.40 28.93
N ALA A 112 11.53 -6.18 28.45
CA ALA A 112 10.60 -5.06 28.57
C ALA A 112 9.53 -5.10 27.47
N SER A 113 9.68 -5.96 26.47
CA SER A 113 8.70 -6.00 25.39
C SER A 113 7.37 -6.52 25.93
N PRO A 114 6.23 -5.97 25.48
CA PRO A 114 4.93 -6.50 25.91
C PRO A 114 4.61 -7.85 25.30
N PRO A 115 3.70 -8.61 25.92
CA PRO A 115 3.41 -9.95 25.40
C PRO A 115 3.10 -10.01 23.91
N ILE A 116 2.38 -9.02 23.39
CA ILE A 116 1.99 -9.09 21.99
C ILE A 116 3.21 -9.03 21.06
N VAL A 117 4.26 -8.33 21.47
CA VAL A 117 5.50 -8.27 20.69
C VAL A 117 6.29 -9.59 20.83
N VAL A 118 6.44 -10.09 22.06
CA VAL A 118 7.11 -11.36 22.28
C VAL A 118 6.46 -12.45 21.45
N ALA A 119 5.13 -12.47 21.43
CA ALA A 119 4.41 -13.50 20.68
C ALA A 119 4.56 -13.33 19.18
N PHE A 120 4.56 -12.10 18.68
CA PHE A 120 4.77 -11.92 17.26
C PHE A 120 6.14 -12.44 16.85
N SER A 121 7.16 -12.09 17.62
CA SER A 121 8.51 -12.54 17.30
C SER A 121 8.60 -14.06 17.31
N ASP A 122 7.91 -14.69 18.26
CA ASP A 122 7.86 -16.16 18.31
C ASP A 122 7.28 -16.73 17.01
N CYS A 123 6.18 -16.14 16.52
CA CYS A 123 5.62 -16.53 15.23
C CYS A 123 6.56 -16.22 14.08
N TRP A 124 7.16 -15.03 14.08
CA TRP A 124 7.94 -14.60 12.92
C TRP A 124 9.21 -15.42 12.75
N GLU A 125 9.86 -15.81 13.84
CA GLU A 125 11.07 -16.61 13.70
C GLU A 125 10.74 -17.96 13.04
N ARG A 126 9.58 -18.52 13.34
CA ARG A 126 9.16 -19.74 12.64
C ARG A 126 8.74 -19.46 11.19
N MET A 127 8.03 -18.35 10.97
CA MET A 127 7.49 -18.04 9.66
C MET A 127 8.57 -17.71 8.65
N ARG A 128 9.65 -17.04 9.06
CA ARG A 128 10.69 -16.68 8.09
C ARG A 128 11.69 -17.81 7.88
N ALA A 129 11.68 -18.83 8.74
CA ALA A 129 12.65 -19.91 8.63
C ALA A 129 12.47 -20.64 7.30
N GLY A 130 13.58 -20.91 6.63
CA GLY A 130 13.62 -21.61 5.36
C GLY A 130 13.20 -20.81 4.15
N MET A 131 12.88 -19.53 4.30
CA MET A 131 12.42 -18.68 3.21
C MET A 131 13.54 -17.79 2.72
N SER A 132 13.52 -17.47 1.42
CA SER A 132 14.59 -16.70 0.80
C SER A 132 14.61 -15.24 1.28
N ASP A 133 15.74 -14.57 1.02
CA ASP A 133 15.81 -13.15 1.32
C ASP A 133 14.75 -12.38 0.55
N ALA A 134 14.49 -12.78 -0.70
CA ALA A 134 13.47 -12.06 -1.49
C ALA A 134 12.09 -12.20 -0.87
N TRP A 135 11.71 -13.41 -0.51
CA TRP A 135 10.43 -13.62 0.16
C TRP A 135 10.35 -12.86 1.46
N ARG A 136 11.44 -12.87 2.25
CA ARG A 136 11.43 -12.13 3.51
C ARG A 136 11.21 -10.65 3.28
N ARG A 137 11.82 -10.08 2.23
CA ARG A 137 11.70 -8.65 1.99
C ARG A 137 10.27 -8.26 1.64
N ARG A 138 9.62 -9.03 0.77
CA ARG A 138 8.26 -8.66 0.40
C ARG A 138 7.29 -8.95 1.53
N THR A 139 7.56 -9.96 2.34
CA THR A 139 6.68 -10.32 3.43
C THR A 139 6.82 -9.34 4.61
N VAL A 140 8.06 -8.95 4.93
CA VAL A 140 8.28 -7.85 5.89
C VAL A 140 7.47 -6.63 5.48
N HIS A 141 7.53 -6.25 4.21
CA HIS A 141 6.80 -5.08 3.78
C HIS A 141 5.29 -5.25 3.97
N GLU A 142 4.75 -6.45 3.69
CA GLU A 142 3.33 -6.70 3.90
C GLU A 142 2.94 -6.64 5.38
N TRP A 143 3.77 -7.19 6.26
CA TRP A 143 3.47 -7.09 7.69
C TRP A 143 3.43 -5.63 8.12
N VAL A 144 4.41 -4.85 7.68
CA VAL A 144 4.47 -3.45 8.09
C VAL A 144 3.33 -2.66 7.47
N ASP A 145 2.90 -3.02 6.27
CA ASP A 145 1.77 -2.31 5.67
C ASP A 145 0.47 -2.65 6.42
N TYR A 146 0.37 -3.86 6.94
CA TYR A 146 -0.72 -4.19 7.84
C TYR A 146 -0.67 -3.32 9.10
N LEU A 147 0.51 -3.24 9.72
CA LEU A 147 0.65 -2.40 10.89
C LEU A 147 0.30 -0.94 10.60
N ALA A 148 0.60 -0.46 9.39
CA ALA A 148 0.31 0.93 9.03
C ALA A 148 -1.19 1.26 9.07
N GLY A 149 -2.05 0.25 9.04
CA GLY A 149 -3.47 0.53 9.08
C GLY A 149 -3.99 0.89 10.46
N TRP A 150 -3.24 0.58 11.51
CA TRP A 150 -3.79 0.73 12.85
C TRP A 150 -3.71 2.16 13.36
N PRO A 151 -2.67 2.92 13.04
CA PRO A 151 -2.75 4.35 13.33
C PRO A 151 -3.95 5.01 12.67
N THR A 152 -4.27 4.60 11.45
CA THR A 152 -5.43 5.13 10.74
C THR A 152 -6.72 4.81 11.51
N LYS A 153 -6.85 3.57 11.97
CA LYS A 153 -8.02 3.17 12.73
C LYS A 153 -8.20 4.07 13.95
N LEU A 154 -7.11 4.28 14.71
CA LEU A 154 -7.21 5.12 15.90
C LEU A 154 -7.51 6.56 15.54
N ALA A 155 -6.88 7.08 14.49
CA ALA A 155 -7.15 8.47 14.10
C ALA A 155 -8.59 8.62 13.66
N ASP A 156 -9.11 7.64 12.89
CA ASP A 156 -10.47 7.74 12.39
C ASP A 156 -11.47 7.66 13.53
N ARG A 157 -11.18 6.83 14.54
CA ARG A 157 -12.06 6.77 15.68
C ARG A 157 -12.08 8.11 16.42
N ALA A 158 -10.92 8.73 16.60
CA ALA A 158 -10.86 10.03 17.25
C ALA A 158 -11.57 11.11 16.42
N HIS A 159 -11.47 11.02 15.08
CA HIS A 159 -12.14 11.99 14.22
C HIS A 159 -13.66 11.86 14.34
N GLY A 160 -14.19 10.63 14.24
CA GLY A 160 -15.60 10.33 14.42
C GLY A 160 -16.43 10.52 13.17
N ALA A 161 -15.82 10.83 12.04
CA ALA A 161 -16.57 11.00 10.81
C ALA A 161 -16.86 9.62 10.22
N VAL A 162 -17.97 9.51 9.50
CA VAL A 162 -18.26 8.26 8.78
C VAL A 162 -17.42 8.23 7.51
N LEU A 163 -16.54 7.25 7.40
CA LEU A 163 -15.70 7.10 6.22
C LEU A 163 -16.55 6.84 4.98
N ASP A 164 -16.09 7.36 3.84
CA ASP A 164 -16.75 6.95 2.61
C ASP A 164 -16.33 5.52 2.28
N PRO A 165 -17.20 4.77 1.60
CA PRO A 165 -16.96 3.32 1.40
C PRO A 165 -15.60 3.00 0.84
N ALA A 166 -15.16 3.77 -0.16
CA ALA A 166 -13.86 3.49 -0.78
C ALA A 166 -12.72 3.68 0.22
N ALA A 167 -12.78 4.75 1.03
CA ALA A 167 -11.76 4.97 2.05
C ALA A 167 -11.77 3.87 3.10
N HIS A 168 -12.97 3.41 3.48
CA HIS A 168 -13.06 2.31 4.43
C HIS A 168 -12.38 1.07 3.87
N LEU A 169 -12.62 0.77 2.60
CA LEU A 169 -12.00 -0.39 1.98
C LEU A 169 -10.50 -0.24 1.83
N ARG A 170 -10.00 0.96 1.48
CA ARG A 170 -8.55 1.13 1.42
C ARG A 170 -7.92 0.85 2.79
N ALA A 171 -8.57 1.29 3.87
CA ALA A 171 -8.02 1.02 5.20
C ALA A 171 -8.08 -0.47 5.55
N ARG A 172 -9.18 -1.12 5.24
CA ARG A 172 -9.34 -2.52 5.62
C ARG A 172 -8.43 -3.44 4.81
N HIS A 173 -8.07 -3.06 3.58
CA HIS A 173 -7.06 -3.82 2.85
C HIS A 173 -5.73 -3.85 3.58
N ARG A 174 -5.47 -2.93 4.52
CA ARG A 174 -4.34 -3.08 5.43
C ARG A 174 -4.67 -3.91 6.67
N THR A 175 -5.72 -3.58 7.43
CA THR A 175 -5.93 -4.19 8.74
C THR A 175 -6.49 -5.62 8.66
N ILE A 176 -7.05 -6.05 7.51
CA ILE A 176 -7.61 -7.39 7.42
C ILE A 176 -6.50 -8.45 7.47
N CYS A 177 -5.27 -8.07 7.12
CA CYS A 177 -4.09 -8.96 7.21
C CYS A 177 -4.17 -10.15 6.23
N CYS A 178 -4.82 -10.03 5.09
CA CYS A 178 -4.78 -11.14 4.13
C CYS A 178 -3.39 -11.33 3.52
N ARG A 179 -2.71 -10.24 3.15
CA ARG A 179 -1.48 -10.44 2.37
C ARG A 179 -0.41 -11.16 3.19
N PRO A 180 -0.17 -10.82 4.47
CA PRO A 180 0.78 -11.64 5.23
C PRO A 180 0.29 -13.07 5.35
N LEU A 181 -1.02 -13.28 5.39
CA LEU A 181 -1.52 -14.64 5.53
C LEU A 181 -1.39 -15.44 4.23
N PHE A 182 -1.41 -14.77 3.08
CA PHE A 182 -1.11 -15.44 1.84
C PHE A 182 0.37 -15.81 1.77
N ALA A 183 1.24 -14.93 2.24
CA ALA A 183 2.66 -15.27 2.32
C ALA A 183 2.85 -16.47 3.22
N LEU A 184 2.08 -16.56 4.30
CA LEU A 184 2.18 -17.72 5.18
C LEU A 184 1.83 -19.01 4.46
N ALA A 185 0.90 -18.94 3.49
CA ALA A 185 0.52 -20.12 2.75
C ALA A 185 1.72 -20.70 1.97
N GLU A 186 2.56 -19.84 1.40
CA GLU A 186 3.79 -20.30 0.75
C GLU A 186 4.73 -20.97 1.75
N ARG A 187 4.97 -20.28 2.87
CA ARG A 187 5.86 -20.81 3.92
C ARG A 187 5.42 -22.21 4.36
N VAL A 188 4.13 -22.41 4.64
CA VAL A 188 3.73 -23.74 5.13
C VAL A 188 3.46 -24.73 3.98
N GLY A 189 3.19 -24.23 2.77
CA GLY A 189 2.99 -25.09 1.61
C GLY A 189 4.28 -25.64 1.06
N GLY A 190 5.41 -25.01 1.37
CA GLY A 190 6.70 -25.49 0.91
C GLY A 190 7.19 -24.96 -0.41
N TYR A 191 6.73 -23.79 -0.85
CA TYR A 191 7.18 -23.22 -2.13
C TYR A 191 7.26 -21.72 -1.98
N GLU A 192 7.93 -21.10 -2.95
CA GLU A 192 7.89 -19.65 -3.14
C GLU A 192 7.45 -19.46 -4.58
N VAL A 193 6.40 -18.69 -4.76
CA VAL A 193 6.05 -18.32 -6.13
C VAL A 193 7.23 -17.57 -6.74
N PRO A 194 7.73 -17.97 -7.90
CA PRO A 194 8.87 -17.27 -8.52
C PRO A 194 8.60 -15.78 -8.64
N ARG A 195 9.65 -14.98 -8.45
CA ARG A 195 9.48 -13.54 -8.33
C ARG A 195 8.75 -12.95 -9.53
N ARG A 196 9.14 -13.36 -10.74
CA ARG A 196 8.55 -12.77 -11.94
C ARG A 196 7.04 -13.02 -12.01
N ALA A 197 6.56 -14.12 -11.44
CA ALA A 197 5.10 -14.35 -11.39
C ALA A 197 4.46 -13.65 -10.21
N TRP A 198 5.10 -13.70 -9.01
CA TRP A 198 4.47 -13.19 -7.81
C TRP A 198 4.15 -11.70 -7.93
N HIS A 199 5.03 -10.94 -8.57
CA HIS A 199 4.85 -9.49 -8.72
C HIS A 199 3.94 -9.11 -9.88
N SER A 200 3.53 -10.08 -10.70
CA SER A 200 2.69 -9.75 -11.84
C SER A 200 1.33 -9.23 -11.35
N SER A 201 0.72 -8.39 -12.18
CA SER A 201 -0.62 -7.91 -11.87
C SER A 201 -1.63 -9.04 -11.88
N ARG A 202 -1.39 -10.09 -12.66
CA ARG A 202 -2.31 -11.23 -12.63
C ARG A 202 -2.36 -11.83 -11.22
N LEU A 203 -1.20 -12.09 -10.60
CA LEU A 203 -1.25 -12.67 -9.24
C LEU A 203 -1.59 -11.64 -8.17
N ASP A 204 -1.10 -10.41 -8.32
CA ASP A 204 -1.52 -9.37 -7.38
C ASP A 204 -3.03 -9.16 -7.41
N GLY A 205 -3.63 -9.27 -8.60
CA GLY A 205 -5.07 -9.19 -8.72
C GLY A 205 -5.79 -10.31 -8.02
N MET A 206 -5.18 -11.49 -8.01
CA MET A 206 -5.79 -12.60 -7.28
C MET A 206 -5.70 -12.38 -5.78
N ARG A 207 -4.59 -11.78 -5.31
CA ARG A 207 -4.50 -11.40 -3.90
C ARG A 207 -5.52 -10.33 -3.56
N PHE A 208 -5.65 -9.33 -4.43
CA PHE A 208 -6.56 -8.24 -4.19
C PHE A 208 -8.02 -8.70 -4.18
N THR A 209 -8.44 -9.50 -5.17
CA THR A 209 -9.83 -9.94 -5.22
C THR A 209 -10.15 -10.90 -4.09
N THR A 210 -9.21 -11.77 -3.69
CA THR A 210 -9.42 -12.62 -2.54
C THR A 210 -9.61 -11.76 -1.30
N SER A 211 -8.76 -10.73 -1.14
CA SER A 211 -8.88 -9.85 0.01
C SER A 211 -10.23 -9.15 0.04
N ASP A 212 -10.68 -8.63 -1.11
CA ASP A 212 -11.99 -7.98 -1.21
C ASP A 212 -13.10 -8.92 -0.75
N ALA A 213 -13.06 -10.19 -1.18
CA ALA A 213 -14.08 -11.14 -0.78
C ALA A 213 -14.07 -11.37 0.72
N VAL A 214 -12.88 -11.56 1.30
CA VAL A 214 -12.77 -11.82 2.73
C VAL A 214 -13.26 -10.60 3.53
N ILE A 215 -12.85 -9.40 3.09
CA ILE A 215 -13.29 -8.18 3.76
C ILE A 215 -14.81 -8.09 3.75
N GLY A 216 -15.40 -8.28 2.57
CA GLY A 216 -16.85 -8.18 2.48
C GLY A 216 -17.57 -9.14 3.41
N MET A 217 -17.09 -10.39 3.47
CA MET A 217 -17.68 -11.34 4.38
C MET A 217 -17.48 -10.90 5.82
N ASN A 218 -16.29 -10.38 6.14
CA ASN A 218 -16.01 -9.97 7.50
C ASN A 218 -16.86 -8.78 7.89
N GLU A 219 -17.11 -7.85 6.96
CA GLU A 219 -17.98 -6.71 7.27
C GLU A 219 -19.37 -7.16 7.65
N LEU A 220 -19.88 -8.20 6.99
CA LEU A 220 -21.21 -8.70 7.34
C LEU A 220 -21.19 -9.45 8.68
N HIS A 221 -20.18 -10.27 8.91
CA HIS A 221 -20.02 -10.91 10.22
C HIS A 221 -19.95 -9.87 11.34
N SER A 222 -19.25 -8.77 11.11
CA SER A 222 -18.94 -7.82 12.18
C SER A 222 -20.00 -6.76 12.35
N PHE A 223 -20.99 -6.72 11.46
CA PHE A 223 -21.90 -5.58 11.38
C PHE A 223 -22.47 -5.20 12.74
N GLU A 224 -23.14 -6.14 13.41
CA GLU A 224 -23.86 -5.77 14.62
C GLU A 224 -22.91 -5.30 15.71
N LYS A 225 -21.77 -5.97 15.86
CA LYS A 225 -20.76 -5.57 16.83
C LYS A 225 -20.27 -4.16 16.53
N ASP A 226 -19.90 -3.90 15.28
CA ASP A 226 -19.40 -2.59 14.88
C ASP A 226 -20.45 -1.51 15.16
N ARG A 227 -21.69 -1.75 14.76
CA ARG A 227 -22.73 -0.73 14.98
C ARG A 227 -22.95 -0.47 16.46
N ALA A 228 -22.98 -1.53 17.27
CA ALA A 228 -23.18 -1.37 18.71
C ALA A 228 -22.11 -0.45 19.32
N GLN A 229 -20.85 -0.66 18.96
CA GLN A 229 -19.72 0.07 19.56
C GLN A 229 -19.36 1.39 18.88
N HIS A 231 -18.07 1.53 15.81
CA HIS A 231 -16.91 1.37 14.94
C HIS A 231 -17.24 1.44 13.45
N ALA A 232 -16.22 1.65 12.64
CA ALA A 232 -16.41 1.73 11.20
C ALA A 232 -16.92 0.40 10.64
N ASN A 233 -17.77 0.48 9.62
CA ASN A 233 -18.28 -0.69 8.94
C ASN A 233 -18.73 -0.28 7.53
N LEU A 234 -18.41 -1.15 6.57
CA LEU A 234 -18.69 -0.86 5.17
C LEU A 234 -20.18 -0.65 4.92
N VAL A 235 -21.02 -1.45 5.54
CA VAL A 235 -22.46 -1.29 5.37
C VAL A 235 -22.89 0.10 5.85
N LEU A 236 -22.42 0.52 7.02
CA LEU A 236 -22.81 1.83 7.53
C LEU A 236 -22.31 2.95 6.64
N SER A 237 -21.08 2.82 6.11
CA SER A 237 -20.55 3.83 5.19
C SER A 237 -21.42 3.93 3.93
N LEU A 238 -21.88 2.79 3.41
CA LEU A 238 -22.73 2.81 2.22
C LEU A 238 -24.07 3.45 2.50
N VAL A 239 -24.64 3.18 3.69
CA VAL A 239 -25.89 3.82 4.08
C VAL A 239 -25.70 5.33 4.13
N HIS A 240 -24.63 5.76 4.79
CA HIS A 240 -24.43 7.17 5.07
C HIS A 240 -24.12 7.94 3.78
N HIS A 241 -23.17 7.43 2.99
CA HIS A 241 -22.69 8.15 1.82
C HIS A 241 -23.46 7.81 0.54
N GLY A 242 -24.05 6.62 0.46
CA GLY A 242 -24.79 6.26 -0.73
C GLY A 242 -26.27 6.57 -0.67
N GLY A 243 -26.76 7.03 0.47
CA GLY A 243 -28.19 7.12 0.66
C GLY A 243 -28.91 5.80 0.49
N LEU A 244 -28.28 4.70 0.85
CA LEU A 244 -28.91 3.39 0.73
C LEU A 244 -29.56 2.99 2.05
N THR A 245 -30.64 2.21 1.95
CA THR A 245 -31.17 1.51 3.12
C THR A 245 -30.17 0.41 3.53
N GLY A 246 -30.37 -0.14 4.74
CA GLY A 246 -29.53 -1.22 5.21
C GLY A 246 -29.56 -2.39 4.27
N PRO A 247 -30.76 -2.86 3.93
CA PRO A 247 -30.86 -3.97 2.97
C PRO A 247 -30.18 -3.70 1.64
N GLU A 248 -30.31 -2.48 1.11
CA GLU A 248 -29.64 -2.11 -0.13
C GLU A 248 -28.13 -2.12 0.04
N ALA A 249 -27.65 -1.55 1.14
CA ALA A 249 -26.22 -1.54 1.40
C ALA A 249 -25.68 -2.97 1.54
N VAL A 250 -26.43 -3.85 2.21
CA VAL A 250 -25.95 -5.23 2.34
C VAL A 250 -25.89 -5.92 0.98
N THR A 251 -26.87 -5.65 0.12
CA THR A 251 -26.83 -6.21 -1.22
C THR A 251 -25.59 -5.76 -1.96
N ARG A 252 -25.23 -4.49 -1.78
CA ARG A 252 -24.01 -3.97 -2.39
C ARG A 252 -22.78 -4.73 -1.92
N VAL A 253 -22.72 -5.06 -0.63
CA VAL A 253 -21.53 -5.79 -0.13
C VAL A 253 -21.52 -7.21 -0.66
N CYS A 254 -22.69 -7.87 -0.70
CA CYS A 254 -22.79 -9.19 -1.29
C CYS A 254 -22.35 -9.17 -2.76
N ASP A 255 -22.75 -8.14 -3.51
CA ASP A 255 -22.31 -8.00 -4.89
C ASP A 255 -20.80 -7.81 -4.96
N LEU A 256 -20.22 -7.07 -4.02
CA LEU A 256 -18.76 -6.97 -3.97
C LEU A 256 -18.13 -8.35 -3.81
N VAL A 257 -18.65 -9.16 -2.88
CA VAL A 257 -18.06 -10.48 -2.65
C VAL A 257 -18.21 -11.34 -3.90
N GLN A 258 -19.43 -11.38 -4.45
CA GLN A 258 -19.66 -12.24 -5.62
C GLN A 258 -18.86 -11.77 -6.83
N GLY A 259 -18.79 -10.46 -7.05
CA GLY A 259 -17.99 -9.96 -8.17
C GLY A 259 -16.51 -10.22 -7.98
N SER A 260 -16.04 -10.18 -6.73
CA SER A 260 -14.63 -10.48 -6.45
C SER A 260 -14.31 -11.94 -6.73
N ILE A 261 -15.23 -12.84 -6.38
CA ILE A 261 -15.04 -14.25 -6.69
C ILE A 261 -15.02 -14.48 -8.22
N GLU A 262 -15.95 -13.84 -8.95
CA GLU A 262 -15.97 -13.99 -10.40
C GLU A 262 -14.68 -13.47 -11.02
N SER A 263 -14.18 -12.32 -10.54
CA SER A 263 -12.93 -11.79 -11.04
C SER A 263 -11.76 -12.72 -10.74
N PHE A 264 -11.68 -13.25 -9.50
CA PHE A 264 -10.66 -14.23 -9.15
C PHE A 264 -10.68 -15.41 -10.13
N LEU A 265 -11.87 -15.90 -10.47
CA LEU A 265 -11.97 -17.05 -11.36
C LEU A 265 -11.49 -16.70 -12.77
N ARG A 266 -11.79 -15.49 -13.25
CA ARG A 266 -11.30 -15.10 -14.57
C ARG A 266 -9.77 -15.03 -14.57
N LEU A 267 -9.19 -14.45 -13.52
CA LEU A 267 -7.74 -14.38 -13.41
C LEU A 267 -7.12 -15.76 -13.33
N ARG A 268 -7.75 -16.67 -12.56
CA ARG A 268 -7.21 -18.02 -12.40
C ARG A 268 -7.17 -18.78 -13.73
N SER A 269 -8.18 -18.58 -14.58
CA SER A 269 -8.19 -19.21 -15.89
C SER A 269 -7.08 -18.67 -16.79
N GLY A 270 -6.46 -17.53 -16.44
CA GLY A 270 -5.31 -17.04 -17.17
C GLY A 270 -3.97 -17.48 -16.64
N LEU A 271 -3.93 -18.35 -15.63
CA LEU A 271 -2.64 -18.75 -15.09
C LEU A 271 -1.84 -19.65 -16.04
N PRO A 272 -2.44 -20.54 -16.83
CA PRO A 272 -1.60 -21.28 -17.78
C PRO A 272 -0.88 -20.34 -18.73
N GLU A 273 -1.57 -19.31 -19.21
CA GLU A 273 -0.93 -18.37 -20.12
C GLU A 273 0.18 -17.58 -19.40
N LEU A 274 -0.06 -17.18 -18.15
CA LEU A 274 0.99 -16.51 -17.37
C LEU A 274 2.23 -17.39 -17.25
N GLY A 275 2.01 -18.67 -16.93
CA GLY A 275 3.12 -19.61 -16.86
C GLY A 275 3.90 -19.74 -18.16
N ARG A 276 3.20 -19.81 -19.30
CA ARG A 276 3.90 -19.91 -20.57
C ARG A 276 4.67 -18.62 -20.85
N ALA A 277 4.05 -17.47 -20.61
CA ALA A 277 4.65 -16.20 -20.96
C ALA A 277 5.95 -15.97 -20.18
N LEU A 278 5.97 -16.40 -18.93
CA LEU A 278 7.08 -16.17 -18.02
C LEU A 278 8.01 -17.38 -17.87
N GLY A 279 7.69 -18.51 -18.48
CA GLY A 279 8.48 -19.71 -18.24
C GLY A 279 8.41 -20.21 -16.82
N VAL A 280 7.24 -20.14 -16.19
CA VAL A 280 7.04 -20.58 -14.83
C VAL A 280 6.20 -21.84 -14.84
N GLU A 281 6.63 -22.82 -14.04
CA GLU A 281 5.94 -24.10 -13.92
C GLU A 281 4.47 -23.90 -13.55
N GLY A 282 3.58 -24.55 -14.30
CA GLY A 282 2.17 -24.39 -14.01
C GLY A 282 1.78 -24.85 -12.61
N ALA A 283 2.44 -25.91 -12.11
CA ALA A 283 2.04 -26.48 -10.83
C ALA A 283 2.11 -25.47 -9.68
N VAL A 284 3.15 -24.63 -9.65
CA VAL A 284 3.28 -23.72 -8.53
C VAL A 284 2.22 -22.63 -8.59
N LEU A 285 1.84 -22.22 -9.79
CA LEU A 285 0.81 -21.21 -9.94
C LEU A 285 -0.55 -21.76 -9.51
N ASP A 286 -0.85 -22.98 -9.92
CA ASP A 286 -2.11 -23.60 -9.55
C ASP A 286 -2.17 -23.83 -8.05
N ARG A 287 -1.05 -24.21 -7.45
CA ARG A 287 -0.99 -24.43 -6.00
CA ARG A 287 -1.02 -24.44 -6.00
C ARG A 287 -1.23 -23.14 -5.24
N TYR A 288 -0.62 -22.05 -5.70
CA TYR A 288 -0.83 -20.76 -5.04
C TYR A 288 -2.28 -20.32 -5.15
N ALA A 289 -2.87 -20.43 -6.34
CA ALA A 289 -4.27 -20.07 -6.50
C ALA A 289 -5.18 -20.92 -5.60
N ASP A 290 -4.86 -22.23 -5.48
CA ASP A 290 -5.60 -23.10 -4.58
C ASP A 290 -5.52 -22.60 -3.14
N ALA A 291 -4.36 -22.08 -2.76
CA ALA A 291 -4.16 -21.60 -1.39
C ALA A 291 -5.00 -20.36 -1.14
N LEU A 292 -5.03 -19.45 -2.10
CA LEU A 292 -5.84 -18.25 -1.96
C LEU A 292 -7.31 -18.61 -1.83
N SER A 293 -7.81 -19.50 -2.71
CA SER A 293 -9.23 -19.88 -2.65
C SER A 293 -9.52 -20.69 -1.39
N ALA A 294 -8.58 -21.54 -0.95
CA ALA A 294 -8.77 -22.27 0.31
C ALA A 294 -8.88 -21.34 1.50
N PHE A 295 -8.06 -20.28 1.54
CA PHE A 295 -8.15 -19.33 2.63
C PHE A 295 -9.52 -18.66 2.66
N CYS A 296 -9.98 -18.21 1.49
CA CYS A 296 -11.28 -17.54 1.39
C CYS A 296 -12.42 -18.50 1.77
N ARG A 297 -12.40 -19.70 1.20
CA ARG A 297 -13.42 -20.69 1.54
C ARG A 297 -13.36 -21.05 3.02
N GLY A 298 -12.14 -21.17 3.56
CA GLY A 298 -11.97 -21.47 4.97
C GLY A 298 -12.55 -20.41 5.90
N TYR A 299 -12.24 -19.15 5.63
CA TYR A 299 -12.81 -18.08 6.44
C TYR A 299 -14.33 -18.08 6.33
N HIS A 300 -14.85 -18.28 5.13
CA HIS A 300 -16.30 -18.36 4.92
C HIS A 300 -16.93 -19.47 5.75
N ASP A 301 -16.38 -20.68 5.67
CA ASP A 301 -16.93 -21.81 6.41
C ASP A 301 -16.78 -21.63 7.91
N TRP A 302 -15.62 -21.16 8.35
CA TRP A 302 -15.42 -20.92 9.77
C TRP A 302 -16.44 -19.91 10.27
N GLY A 303 -16.65 -18.83 9.51
CA GLY A 303 -17.55 -17.76 9.90
C GLY A 303 -19.00 -18.19 10.00
N ARG A 304 -19.40 -19.26 9.33
CA ARG A 304 -20.78 -19.75 9.39
C ARG A 304 -21.07 -20.53 10.67
N PHE B 4 -6.20 19.36 -23.08
CA PHE B 4 -7.12 18.97 -22.01
C PHE B 4 -6.78 19.74 -20.75
N GLU B 5 -7.72 20.56 -20.28
CA GLU B 5 -7.51 21.37 -19.10
C GLU B 5 -8.54 20.99 -18.03
N PHE B 6 -8.11 21.02 -16.77
CA PHE B 6 -8.94 20.68 -15.63
C PHE B 6 -8.88 21.80 -14.61
N ALA B 7 -9.96 21.93 -13.83
CA ALA B 7 -10.07 22.99 -12.84
C ALA B 7 -9.42 22.56 -11.52
N VAL B 8 -8.11 22.41 -11.55
CA VAL B 8 -7.41 22.07 -10.30
C VAL B 8 -7.48 23.27 -9.37
N PRO B 9 -7.83 23.09 -8.06
CA PRO B 9 -8.00 24.23 -7.13
C PRO B 9 -6.69 24.74 -6.56
N ALA B 10 -5.84 25.26 -7.44
CA ALA B 10 -4.62 25.94 -7.05
C ALA B 10 -4.23 26.84 -8.22
N PRO B 11 -3.58 27.98 -7.96
CA PRO B 11 -3.22 28.89 -9.05
C PRO B 11 -1.98 28.41 -9.80
N SER B 12 -1.87 28.80 -11.07
CA SER B 12 -0.65 28.51 -11.81
C SER B 12 0.51 29.33 -11.25
N ARG B 13 1.61 28.65 -10.90
CA ARG B 13 2.77 29.27 -10.29
C ARG B 13 4.00 28.41 -10.56
N VAL B 14 5.16 29.07 -10.64
CA VAL B 14 6.45 28.39 -10.76
C VAL B 14 7.42 29.06 -9.80
N SER B 15 8.31 28.26 -9.20
CA SER B 15 9.27 28.85 -8.31
C SER B 15 10.09 29.89 -9.07
N PRO B 16 10.37 31.05 -8.46
CA PRO B 16 11.23 32.04 -9.12
C PRO B 16 12.70 31.65 -9.19
N ASP B 17 13.12 30.57 -8.50
CA ASP B 17 14.53 30.18 -8.50
C ASP B 17 14.81 29.03 -9.49
N LEU B 18 13.95 28.87 -10.51
CA LEU B 18 14.07 27.71 -11.40
C LEU B 18 15.37 27.73 -12.19
N ALA B 19 15.80 28.89 -12.67
CA ALA B 19 16.95 28.96 -13.56
C ALA B 19 18.20 28.41 -12.88
N ARG B 20 18.48 28.88 -11.67
CA ARG B 20 19.66 28.39 -10.95
C ARG B 20 19.51 26.91 -10.63
N ALA B 21 18.32 26.49 -10.20
CA ALA B 21 18.10 25.12 -9.76
C ALA B 21 18.29 24.15 -10.92
N ARG B 22 17.83 24.52 -12.11
CA ARG B 22 17.96 23.64 -13.27
C ARG B 22 19.43 23.41 -13.59
N ALA B 23 20.22 24.48 -13.65
CA ALA B 23 21.65 24.33 -14.01
C ALA B 23 22.41 23.51 -12.96
N ARG B 24 22.13 23.75 -11.68
CA ARG B 24 22.72 22.95 -10.60
C ARG B 24 22.34 21.48 -10.72
N HIS B 25 21.07 21.19 -10.99
CA HIS B 25 20.64 19.81 -11.08
C HIS B 25 21.35 19.07 -12.21
N LEU B 26 21.57 19.74 -13.35
CA LEU B 26 22.31 19.08 -14.42
C LEU B 26 23.74 18.75 -13.98
N ASP B 27 24.35 19.61 -13.16
CA ASP B 27 25.68 19.30 -12.63
C ASP B 27 25.59 18.13 -11.66
N TRP B 28 24.53 18.09 -10.87
CA TRP B 28 24.36 17.03 -9.88
C TRP B 28 24.22 15.67 -10.55
N VAL B 29 23.42 15.57 -11.62
CA VAL B 29 23.24 14.27 -12.26
C VAL B 29 24.55 13.80 -12.87
N HIS B 30 25.36 14.73 -13.35
CA HIS B 30 26.69 14.35 -13.86
C HIS B 30 27.60 13.90 -12.72
N ALA B 31 27.63 14.65 -11.64
CA ALA B 31 28.47 14.31 -10.48
C ALA B 31 28.02 13.00 -9.85
N MET B 32 26.72 12.69 -9.92
CA MET B 32 26.26 11.40 -9.44
C MET B 32 26.51 10.29 -10.46
N ASP B 33 27.06 10.60 -11.63
CA ASP B 33 27.34 9.58 -12.64
C ASP B 33 26.05 8.90 -13.12
N LEU B 34 24.94 9.62 -13.11
CA LEU B 34 23.67 9.09 -13.55
C LEU B 34 23.43 9.22 -15.05
N VAL B 35 23.98 10.25 -15.67
CA VAL B 35 23.83 10.52 -17.09
C VAL B 35 25.24 10.49 -17.67
N ARG B 36 25.53 9.46 -18.46
CA ARG B 36 26.89 9.21 -18.94
C ARG B 36 27.02 9.53 -20.43
N TYR B 44 18.69 14.01 -21.49
CA TYR B 44 18.08 14.33 -20.20
C TYR B 44 17.74 15.79 -20.01
N GLU B 45 18.64 16.69 -20.43
CA GLU B 45 18.35 18.11 -20.30
C GLU B 45 17.11 18.49 -21.10
N PHE B 46 17.03 17.98 -22.32
CA PHE B 46 15.97 18.28 -23.29
C PHE B 46 14.59 17.80 -22.86
N SER B 47 14.53 16.85 -21.93
CA SER B 47 13.25 16.30 -21.50
C SER B 47 12.44 17.28 -20.64
N CYS B 48 13.08 18.31 -20.10
CA CYS B 48 12.47 19.30 -19.21
C CYS B 48 11.97 18.68 -17.91
N VAL B 49 12.34 17.43 -17.63
CA VAL B 49 12.11 16.86 -16.31
C VAL B 49 12.76 17.73 -15.23
N ALA B 50 13.84 18.44 -15.56
CA ALA B 50 14.50 19.28 -14.56
C ALA B 50 13.63 20.44 -14.07
N ASP B 51 12.40 20.59 -14.58
CA ASP B 51 11.55 21.71 -14.21
C ASP B 51 10.39 21.32 -13.29
N ILE B 52 10.00 20.04 -13.25
CA ILE B 52 8.76 19.71 -12.55
C ILE B 52 8.83 20.15 -11.10
N GLY B 53 10.02 20.10 -10.50
CA GLY B 53 10.14 20.45 -9.09
C GLY B 53 9.70 21.88 -8.82
N ALA B 54 10.00 22.79 -9.74
CA ALA B 54 9.61 24.18 -9.54
C ALA B 54 8.12 24.39 -9.78
N TYR B 55 7.47 23.53 -10.56
CA TYR B 55 6.02 23.57 -10.74
C TYR B 55 5.30 22.92 -9.56
N GLY B 56 5.80 21.77 -9.11
CA GLY B 56 5.13 21.02 -8.05
C GLY B 56 5.29 21.63 -6.67
N TYR B 57 6.33 22.42 -6.46
CA TYR B 57 6.61 23.08 -5.18
C TYR B 57 6.90 24.54 -5.46
N PRO B 58 5.87 25.30 -5.84
CA PRO B 58 6.12 26.62 -6.43
C PRO B 58 6.62 27.66 -5.45
N HIS B 59 6.57 27.39 -4.13
CA HIS B 59 7.09 28.33 -3.15
C HIS B 59 8.51 27.98 -2.69
N ALA B 60 9.02 26.83 -3.09
CA ALA B 60 10.37 26.44 -2.71
C ALA B 60 11.40 27.25 -3.50
N THR B 61 12.51 27.56 -2.83
CA THR B 61 13.65 28.26 -3.41
C THR B 61 14.93 27.64 -2.86
N GLY B 62 16.05 28.06 -3.45
CA GLY B 62 17.36 27.69 -2.92
C GLY B 62 17.52 26.20 -2.77
N ALA B 63 18.10 25.81 -1.65
CA ALA B 63 18.41 24.40 -1.40
C ALA B 63 17.14 23.55 -1.30
N ASP B 64 16.06 24.11 -0.75
CA ASP B 64 14.80 23.37 -0.71
C ASP B 64 14.36 23.00 -2.11
N LEU B 65 14.40 23.96 -3.03
CA LEU B 65 14.02 23.69 -4.42
C LEU B 65 14.97 22.67 -5.07
N ASP B 66 16.28 22.83 -4.83
CA ASP B 66 17.24 21.86 -5.34
C ASP B 66 16.87 20.44 -4.94
N LEU B 67 16.46 20.26 -3.68
CA LEU B 67 16.09 18.92 -3.22
C LEU B 67 14.90 18.39 -3.99
N CYS B 68 13.91 19.26 -4.22
CA CYS B 68 12.74 18.87 -4.99
C CYS B 68 13.11 18.48 -6.41
N VAL B 69 13.93 19.31 -7.06
CA VAL B 69 14.35 19.03 -8.43
C VAL B 69 15.15 17.73 -8.48
N ASP B 70 16.08 17.54 -7.53
CA ASP B 70 16.92 16.33 -7.53
C ASP B 70 16.07 15.07 -7.34
N VAL B 71 15.14 15.09 -6.38
CA VAL B 71 14.31 13.90 -6.11
C VAL B 71 13.43 13.58 -7.31
N LEU B 72 12.78 14.60 -7.89
CA LEU B 72 11.96 14.35 -9.06
C LEU B 72 12.81 13.81 -10.19
N GLY B 73 13.96 14.44 -10.45
CA GLY B 73 14.82 13.96 -11.53
C GLY B 73 15.30 12.55 -11.26
N TRP B 74 15.62 12.25 -10.00
CA TRP B 74 16.00 10.89 -9.62
C TRP B 74 14.89 9.89 -9.98
N THR B 75 13.61 10.23 -9.76
CA THR B 75 12.56 9.26 -10.06
C THR B 75 12.46 9.01 -11.55
N PHE B 76 12.68 10.03 -12.38
CA PHE B 76 12.67 9.80 -13.82
C PHE B 76 13.87 8.97 -14.26
N LEU B 77 15.04 9.21 -13.67
CA LEU B 77 16.22 8.44 -14.07
C LEU B 77 16.15 7.02 -13.52
N PHE B 78 15.54 6.84 -12.35
CA PHE B 78 15.25 5.48 -11.87
C PHE B 78 14.31 4.76 -12.82
N ASP B 79 13.22 5.45 -13.20
CA ASP B 79 12.28 4.88 -14.17
C ASP B 79 12.99 4.43 -15.45
N ASP B 80 13.97 5.23 -15.90
CA ASP B 80 14.69 4.93 -17.14
C ASP B 80 15.40 3.59 -17.09
N GLN B 81 15.81 3.14 -15.90
CA GLN B 81 16.43 1.83 -15.79
C GLN B 81 15.54 0.77 -16.43
N PHE B 82 14.25 0.82 -16.15
CA PHE B 82 13.36 -0.20 -16.65
C PHE B 82 13.10 -0.04 -18.13
N ASP B 83 13.16 1.18 -18.66
CA ASP B 83 12.91 1.40 -20.07
C ASP B 83 14.23 1.50 -20.84
N ARG B 88 19.02 -5.86 -18.38
CA ARG B 88 19.53 -5.44 -17.08
C ARG B 88 18.40 -5.35 -16.05
N GLU B 89 17.45 -6.29 -16.13
CA GLU B 89 16.36 -6.34 -15.17
C GLU B 89 16.83 -6.86 -13.82
N ARG B 90 17.76 -7.81 -13.81
CA ARG B 90 18.33 -8.28 -12.55
C ARG B 90 19.01 -7.14 -11.81
N ASP B 91 19.63 -6.21 -12.55
CA ASP B 91 20.25 -5.04 -11.94
C ASP B 91 19.21 -4.16 -11.26
N ALA B 92 18.09 -3.91 -11.93
CA ALA B 92 17.07 -3.05 -11.34
C ALA B 92 16.53 -3.64 -10.05
N LEU B 93 16.31 -4.95 -10.03
CA LEU B 93 15.84 -5.60 -8.81
C LEU B 93 16.87 -5.53 -7.71
N ALA B 94 18.15 -5.68 -8.04
CA ALA B 94 19.19 -5.54 -7.05
C ALA B 94 19.21 -4.13 -6.48
N VAL B 95 18.94 -3.13 -7.31
CA VAL B 95 18.86 -1.75 -6.84
C VAL B 95 17.67 -1.58 -5.89
N CYS B 96 16.51 -2.15 -6.25
CA CYS B 96 15.37 -2.05 -5.33
C CYS B 96 15.69 -2.63 -3.97
N ALA B 97 16.36 -3.79 -3.95
CA ALA B 97 16.70 -4.46 -2.71
C ALA B 97 17.68 -3.63 -1.90
N GLU B 98 18.70 -3.04 -2.56
CA GLU B 98 19.67 -2.25 -1.80
C GLU B 98 19.02 -1.01 -1.23
N LEU B 99 18.17 -0.33 -2.01
CA LEU B 99 17.50 0.86 -1.50
C LEU B 99 16.54 0.52 -0.38
N THR B 100 15.83 -0.60 -0.50
CA THR B 100 14.95 -1.00 0.57
C THR B 100 15.73 -1.18 1.87
N ASP B 101 16.85 -1.89 1.80
CA ASP B 101 17.62 -2.18 3.00
C ASP B 101 18.20 -0.89 3.59
N LEU B 102 18.68 0.00 2.71
CA LEU B 102 19.17 1.31 3.14
C LEU B 102 18.09 2.07 3.92
N LEU B 103 16.87 2.07 3.39
CA LEU B 103 15.79 2.82 4.04
C LEU B 103 15.38 2.17 5.35
N TRP B 104 15.20 0.85 5.33
CA TRP B 104 14.74 0.12 6.50
C TRP B 104 15.77 0.15 7.62
N LYS B 105 17.06 0.02 7.28
CA LYS B 105 18.08 -0.17 8.28
C LYS B 105 18.74 1.15 8.67
N GLY B 106 18.40 2.24 7.97
CA GLY B 106 18.90 3.56 8.35
C GLY B 106 20.33 3.81 7.96
N THR B 107 20.82 3.11 6.96
CA THR B 107 22.20 3.24 6.46
C THR B 107 22.30 4.24 5.28
N ALA B 109 24.62 4.80 1.46
CA ALA B 109 25.30 4.15 0.32
C ALA B 109 26.76 3.97 0.61
N THR B 110 27.37 2.97 -0.04
CA THR B 110 28.76 2.65 0.14
C THR B 110 29.52 2.83 -1.18
N ALA B 111 30.82 2.52 -1.14
CA ALA B 111 31.66 2.63 -2.32
C ALA B 111 31.27 1.63 -3.40
N ALA B 112 30.64 0.52 -3.03
CA ALA B 112 30.22 -0.48 -4.00
C ALA B 112 28.86 -0.18 -4.62
N SER B 113 28.15 0.79 -4.10
CA SER B 113 26.79 1.06 -4.54
C SER B 113 26.76 1.60 -5.97
N PRO B 114 25.79 1.21 -6.79
CA PRO B 114 25.69 1.78 -8.14
C PRO B 114 25.27 3.24 -8.07
N PRO B 115 25.50 4.01 -9.14
CA PRO B 115 25.15 5.45 -9.12
C PRO B 115 23.72 5.77 -8.70
N ILE B 116 22.73 4.97 -9.11
CA ILE B 116 21.36 5.30 -8.73
C ILE B 116 21.13 5.18 -7.21
N VAL B 117 21.87 4.29 -6.55
CA VAL B 117 21.79 4.17 -5.10
C VAL B 117 22.54 5.32 -4.40
N VAL B 118 23.74 5.63 -4.86
CA VAL B 118 24.49 6.77 -4.32
C VAL B 118 23.63 8.03 -4.40
N ALA B 119 22.99 8.24 -5.55
CA ALA B 119 22.20 9.46 -5.74
C ALA B 119 20.96 9.45 -4.86
N PHE B 120 20.32 8.28 -4.68
CA PHE B 120 19.16 8.28 -3.80
C PHE B 120 19.57 8.63 -2.39
N SER B 121 20.65 8.05 -1.93
CA SER B 121 21.12 8.31 -0.58
C SER B 121 21.50 9.79 -0.42
N ASP B 122 22.11 10.38 -1.46
CA ASP B 122 22.39 11.81 -1.43
C ASP B 122 21.12 12.62 -1.21
N CYS B 123 20.03 12.26 -1.92
CA CYS B 123 18.72 12.91 -1.73
C CYS B 123 18.16 12.64 -0.34
N TRP B 124 18.19 11.38 0.10
CA TRP B 124 17.52 11.00 1.35
C TRP B 124 18.20 11.64 2.57
N GLU B 125 19.51 11.80 2.54
CA GLU B 125 20.17 12.45 3.68
C GLU B 125 19.71 13.90 3.83
N ARG B 126 19.48 14.61 2.73
CA ARG B 126 18.91 15.95 2.79
C ARG B 126 17.43 15.91 3.15
N MET B 127 16.70 14.94 2.62
CA MET B 127 15.26 14.91 2.79
C MET B 127 14.86 14.57 4.22
N ARG B 128 15.63 13.72 4.89
CA ARG B 128 15.30 13.34 6.26
C ARG B 128 15.83 14.32 7.30
N ALA B 129 16.75 15.20 6.90
CA ALA B 129 17.35 16.15 7.82
C ALA B 129 16.26 17.07 8.39
N GLY B 130 16.31 17.26 9.69
CA GLY B 130 15.39 18.12 10.41
C GLY B 130 14.01 17.53 10.66
N MET B 131 13.76 16.29 10.25
CA MET B 131 12.45 15.66 10.39
C MET B 131 12.45 14.69 11.56
N SER B 132 11.28 14.55 12.20
CA SER B 132 11.14 13.72 13.39
C SER B 132 11.28 12.22 13.05
N ASP B 133 11.49 11.41 14.09
CA ASP B 133 11.54 9.96 13.88
C ASP B 133 10.22 9.46 13.32
N ALA B 134 9.13 10.06 13.77
CA ALA B 134 7.82 9.63 13.32
C ALA B 134 7.64 9.90 11.83
N TRP B 135 8.00 11.09 11.39
CA TRP B 135 7.94 11.40 9.97
C TRP B 135 8.86 10.48 9.18
N ARG B 136 10.07 10.24 9.68
CA ARG B 136 10.98 9.39 8.95
C ARG B 136 10.40 7.99 8.78
N ARG B 137 9.77 7.46 9.82
N ARG B 137 9.76 7.45 9.82
CA ARG B 137 9.21 6.11 9.74
CA ARG B 137 9.23 6.10 9.73
C ARG B 137 8.13 6.02 8.68
C ARG B 137 8.13 6.01 8.67
N ARG B 138 7.15 6.93 8.70
CA ARG B 138 6.08 6.86 7.70
C ARG B 138 6.59 7.12 6.30
N THR B 139 7.62 7.96 6.17
CA THR B 139 8.14 8.29 4.85
C THR B 139 8.99 7.14 4.29
N VAL B 140 9.78 6.49 5.14
CA VAL B 140 10.47 5.27 4.75
C VAL B 140 9.47 4.29 4.16
N HIS B 141 8.34 4.09 4.85
CA HIS B 141 7.37 3.11 4.37
C HIS B 141 6.82 3.52 3.02
N GLU B 142 6.59 4.81 2.79
CA GLU B 142 6.10 5.27 1.50
C GLU B 142 7.14 5.06 0.40
N TRP B 143 8.41 5.34 0.67
CA TRP B 143 9.43 5.11 -0.33
C TRP B 143 9.49 3.64 -0.72
N VAL B 144 9.44 2.78 0.28
CA VAL B 144 9.55 1.34 0.02
C VAL B 144 8.31 0.82 -0.71
N ASP B 145 7.13 1.39 -0.44
CA ASP B 145 5.96 0.95 -1.20
C ASP B 145 6.06 1.35 -2.65
N TYR B 146 6.67 2.49 -2.93
CA TYR B 146 6.96 2.86 -4.30
C TYR B 146 7.93 1.89 -4.95
N LEU B 147 9.03 1.56 -4.27
CA LEU B 147 9.98 0.62 -4.86
C LEU B 147 9.28 -0.69 -5.23
N ALA B 148 8.25 -1.06 -4.48
CA ALA B 148 7.49 -2.29 -4.73
C ALA B 148 6.75 -2.32 -6.06
N GLY B 149 6.51 -1.17 -6.70
CA GLY B 149 5.78 -1.18 -7.95
C GLY B 149 6.62 -1.54 -9.15
N TRP B 150 7.91 -1.47 -9.03
CA TRP B 150 8.73 -1.64 -10.21
C TRP B 150 8.94 -3.10 -10.51
N PRO B 151 9.04 -3.97 -9.52
CA PRO B 151 9.05 -5.37 -9.89
C PRO B 151 7.78 -5.69 -10.65
N THR B 152 6.65 -5.07 -10.27
CA THR B 152 5.39 -5.32 -10.97
C THR B 152 5.47 -4.81 -12.40
N LYS B 153 6.01 -3.60 -12.61
CA LYS B 153 6.17 -3.12 -13.98
C LYS B 153 7.03 -4.07 -14.81
N LEU B 154 8.14 -4.57 -14.26
CA LEU B 154 8.94 -5.53 -15.01
C LEU B 154 8.19 -6.84 -15.25
N ALA B 155 7.48 -7.33 -14.24
CA ALA B 155 6.76 -8.59 -14.43
C ALA B 155 5.67 -8.45 -15.50
N ASP B 156 4.93 -7.34 -15.47
CA ASP B 156 3.85 -7.14 -16.41
C ASP B 156 4.38 -6.96 -17.83
N ARG B 157 5.52 -6.30 -17.96
CA ARG B 157 6.13 -6.21 -19.30
C ARG B 157 6.50 -7.59 -19.83
N ALA B 158 7.13 -8.42 -18.98
CA ALA B 158 7.49 -9.77 -19.41
C ALA B 158 6.26 -10.60 -19.73
N HIS B 159 5.19 -10.41 -18.95
CA HIS B 159 3.95 -11.14 -19.22
C HIS B 159 3.33 -10.67 -20.53
N GLY B 160 3.23 -9.36 -20.70
CA GLY B 160 2.73 -8.84 -21.96
C GLY B 160 1.23 -8.78 -22.08
N ALA B 161 0.49 -9.08 -21.02
CA ALA B 161 -0.97 -9.02 -21.06
C ALA B 161 -1.44 -7.58 -20.90
N VAL B 162 -2.60 -7.28 -21.48
CA VAL B 162 -3.22 -5.97 -21.27
C VAL B 162 -3.91 -5.97 -19.91
N LEU B 163 -3.46 -5.11 -19.00
CA LEU B 163 -4.07 -5.04 -17.69
C LEU B 163 -5.50 -4.52 -17.78
N ASP B 164 -6.36 -5.00 -16.88
CA ASP B 164 -7.66 -4.38 -16.76
C ASP B 164 -7.53 -3.01 -16.07
N PRO B 165 -8.47 -2.09 -16.32
CA PRO B 165 -8.31 -0.72 -15.80
C PRO B 165 -8.04 -0.62 -14.31
N ALA B 166 -8.73 -1.42 -13.47
CA ALA B 166 -8.51 -1.32 -12.04
C ALA B 166 -7.11 -1.79 -11.68
N ALA B 167 -6.66 -2.90 -12.27
CA ALA B 167 -5.30 -3.36 -11.99
C ALA B 167 -4.25 -2.36 -12.48
N HIS B 168 -4.49 -1.73 -13.63
CA HIS B 168 -3.55 -0.71 -14.09
C HIS B 168 -3.44 0.44 -13.08
N LEU B 169 -4.58 0.90 -12.56
CA LEU B 169 -4.56 1.98 -11.58
C LEU B 169 -3.93 1.56 -10.27
N ARG B 170 -4.17 0.31 -9.83
CA ARG B 170 -3.50 -0.13 -8.61
C ARG B 170 -1.99 -0.10 -8.78
N ALA B 171 -1.49 -0.55 -9.93
CA ALA B 171 -0.04 -0.55 -10.15
C ALA B 171 0.50 0.86 -10.23
N ARG B 172 -0.22 1.74 -10.93
N ARG B 172 -0.22 1.76 -10.91
CA ARG B 172 0.20 3.12 -11.07
CA ARG B 172 0.28 3.11 -11.06
C ARG B 172 0.29 3.83 -9.73
C ARG B 172 0.24 3.89 -9.75
N HIS B 173 -0.65 3.56 -8.81
CA HIS B 173 -0.61 4.23 -7.52
C HIS B 173 0.70 4.00 -6.74
N ARG B 174 1.46 2.97 -7.04
CA ARG B 174 2.82 2.86 -6.51
C ARG B 174 3.86 3.64 -7.33
N THR B 175 3.92 3.41 -8.64
CA THR B 175 5.05 3.86 -9.43
C THR B 175 5.01 5.36 -9.71
N ILE B 176 3.86 6.02 -9.57
CA ILE B 176 3.79 7.45 -9.86
C ILE B 176 4.63 8.25 -8.84
N CYS B 177 4.91 7.66 -7.67
CA CYS B 177 5.75 8.26 -6.64
C CYS B 177 5.13 9.52 -6.03
N CYS B 178 3.80 9.60 -5.98
CA CYS B 178 3.19 10.77 -5.37
C CYS B 178 3.39 10.78 -3.85
N ARG B 179 3.25 9.65 -3.16
CA ARG B 179 3.21 9.76 -1.70
C ARG B 179 4.54 10.23 -1.11
N PRO B 180 5.70 9.71 -1.56
CA PRO B 180 6.96 10.30 -1.07
C PRO B 180 7.08 11.77 -1.43
N LEU B 181 6.52 12.19 -2.56
CA LEU B 181 6.64 13.59 -2.94
C LEU B 181 5.72 14.48 -2.09
N PHE B 182 4.61 13.94 -1.59
CA PHE B 182 3.82 14.69 -0.61
C PHE B 182 4.56 14.85 0.71
N ALA B 183 5.27 13.82 1.15
CA ALA B 183 6.07 13.95 2.35
C ALA B 183 7.15 15.00 2.15
N LEU B 184 7.71 15.06 0.93
CA LEU B 184 8.72 16.07 0.64
C LEU B 184 8.15 17.48 0.78
N ALA B 185 6.85 17.67 0.55
CA ALA B 185 6.26 19.00 0.71
C ALA B 185 6.32 19.48 2.16
N GLU B 186 6.13 18.55 3.12
CA GLU B 186 6.31 18.86 4.53
C GLU B 186 7.77 19.25 4.81
N ARG B 187 8.70 18.43 4.33
CA ARG B 187 10.12 18.69 4.57
C ARG B 187 10.54 20.07 4.05
N VAL B 188 10.14 20.44 2.83
CA VAL B 188 10.59 21.74 2.31
C VAL B 188 9.67 22.88 2.75
N GLY B 189 8.42 22.57 3.13
CA GLY B 189 7.55 23.60 3.66
C GLY B 189 7.85 24.04 5.09
N GLY B 190 8.58 23.23 5.86
CA GLY B 190 8.93 23.58 7.22
C GLY B 190 7.98 23.13 8.32
N TYR B 191 7.13 22.13 8.06
CA TYR B 191 6.14 21.67 9.04
C TYR B 191 6.02 20.16 8.93
N GLU B 192 5.41 19.56 9.96
CA GLU B 192 4.97 18.18 9.91
C GLU B 192 3.50 18.15 10.29
N VAL B 193 2.66 17.52 9.47
CA VAL B 193 1.27 17.31 9.87
C VAL B 193 1.25 16.48 11.15
N PRO B 194 0.56 16.89 12.21
CA PRO B 194 0.54 16.08 13.43
C PRO B 194 0.06 14.67 13.14
N ARG B 195 0.63 13.70 13.88
CA ARG B 195 0.42 12.28 13.57
C ARG B 195 -1.06 11.93 13.51
N ARG B 196 -1.85 12.40 14.48
CA ARG B 196 -3.26 12.00 14.54
C ARG B 196 -4.04 12.51 13.35
N ALA B 197 -3.63 13.60 12.75
CA ALA B 197 -4.29 14.06 11.53
C ALA B 197 -3.72 13.37 10.29
N TRP B 198 -2.40 13.17 10.24
CA TRP B 198 -1.78 12.66 9.03
C TRP B 198 -2.31 11.28 8.69
N HIS B 199 -2.49 10.43 9.71
CA HIS B 199 -2.93 9.06 9.48
C HIS B 199 -4.43 8.97 9.26
N SER B 200 -5.19 10.04 9.45
CA SER B 200 -6.64 9.96 9.29
C SER B 200 -6.99 9.61 7.84
N SER B 201 -8.12 8.94 7.68
CA SER B 201 -8.58 8.66 6.33
C SER B 201 -8.93 9.96 5.61
N ARG B 202 -9.29 10.99 6.35
CA ARG B 202 -9.56 12.28 5.71
C ARG B 202 -8.33 12.76 4.94
N LEU B 203 -7.18 12.78 5.59
CA LEU B 203 -5.98 13.22 4.88
C LEU B 203 -5.46 12.15 3.93
N ASP B 204 -5.53 10.87 4.33
CA ASP B 204 -5.12 9.84 3.38
C ASP B 204 -5.96 9.89 2.11
N GLY B 205 -7.24 10.23 2.23
CA GLY B 205 -8.10 10.36 1.07
C GLY B 205 -7.71 11.53 0.18
N MET B 206 -7.22 12.61 0.79
CA MET B 206 -6.73 13.71 0.00
C MET B 206 -5.44 13.34 -0.74
N ARG B 207 -4.57 12.54 -0.12
CA ARG B 207 -3.41 12.01 -0.83
C ARG B 207 -3.85 11.10 -1.97
N PHE B 208 -4.83 10.23 -1.71
CA PHE B 208 -5.27 9.29 -2.72
C PHE B 208 -5.91 9.99 -3.92
N THR B 209 -6.81 10.94 -3.67
CA THR B 209 -7.49 11.63 -4.76
C THR B 209 -6.54 12.52 -5.54
N THR B 210 -5.57 13.15 -4.87
CA THR B 210 -4.56 13.91 -5.59
C THR B 210 -3.78 13.00 -6.54
N SER B 211 -3.36 11.83 -6.05
CA SER B 211 -2.64 10.87 -6.85
C SER B 211 -3.46 10.39 -8.05
N ASP B 212 -4.74 10.06 -7.82
CA ASP B 212 -5.66 9.65 -8.89
C ASP B 212 -5.71 10.71 -10.00
N ALA B 213 -5.86 11.98 -9.60
CA ALA B 213 -5.92 13.05 -10.57
C ALA B 213 -4.61 13.13 -11.36
N VAL B 214 -3.47 13.06 -10.67
CA VAL B 214 -2.21 13.15 -11.38
C VAL B 214 -2.04 11.96 -12.32
N ILE B 215 -2.41 10.76 -11.86
CA ILE B 215 -2.30 9.57 -12.69
C ILE B 215 -3.16 9.74 -13.94
N GLY B 216 -4.41 10.12 -13.75
CA GLY B 216 -5.32 10.28 -14.87
C GLY B 216 -4.82 11.29 -15.89
N MET B 217 -4.33 12.43 -15.41
CA MET B 217 -3.80 13.43 -16.32
C MET B 217 -2.63 12.86 -17.10
N ASN B 218 -1.75 12.10 -16.42
CA ASN B 218 -0.58 11.55 -17.08
C ASN B 218 -0.97 10.51 -18.14
N GLU B 219 -1.99 9.71 -17.85
CA GLU B 219 -2.46 8.74 -18.84
C GLU B 219 -2.91 9.43 -20.12
N LEU B 220 -3.57 10.59 -19.98
CA LEU B 220 -3.99 11.37 -21.16
C LEU B 220 -2.82 12.01 -21.86
N HIS B 221 -1.92 12.62 -21.08
CA HIS B 221 -0.74 13.25 -21.67
C HIS B 221 0.07 12.24 -22.48
N SER B 222 0.19 11.01 -21.98
CA SER B 222 1.06 9.96 -22.53
C SER B 222 0.38 9.06 -23.55
N PHE B 223 -0.93 9.21 -23.75
CA PHE B 223 -1.68 8.24 -24.57
C PHE B 223 -0.99 8.01 -25.90
N GLU B 224 -0.72 9.08 -26.65
CA GLU B 224 -0.22 8.92 -28.01
C GLU B 224 1.11 8.18 -28.02
N LYS B 225 2.02 8.55 -27.11
CA LYS B 225 3.31 7.86 -27.00
C LYS B 225 3.12 6.39 -26.66
N ASP B 226 2.34 6.09 -25.62
CA ASP B 226 2.15 4.71 -25.19
C ASP B 226 1.57 3.86 -26.32
N ARG B 227 0.56 4.37 -27.00
CA ARG B 227 -0.04 3.61 -28.10
C ARG B 227 0.96 3.44 -29.23
N ALA B 228 1.68 4.51 -29.58
CA ALA B 228 2.67 4.42 -30.64
C ALA B 228 3.72 3.38 -30.29
N GLN B 229 4.25 3.43 -29.08
CA GLN B 229 5.31 2.52 -28.68
C GLN B 229 4.78 1.20 -28.12
N GLY B 230 3.45 1.03 -28.05
CA GLY B 230 2.87 -0.20 -27.56
C GLY B 230 3.13 -0.47 -26.09
N HIS B 231 2.86 0.52 -25.23
CA HIS B 231 3.06 0.41 -23.79
C HIS B 231 1.72 0.47 -23.10
N ALA B 232 1.71 0.10 -21.81
CA ALA B 232 0.48 0.11 -21.04
C ALA B 232 -0.09 1.52 -20.94
N ASN B 233 -1.42 1.62 -20.98
CA ASN B 233 -2.09 2.89 -20.81
C ASN B 233 -3.54 2.67 -20.42
N LEU B 234 -4.01 3.47 -19.47
CA LEU B 234 -5.36 3.30 -18.94
C LEU B 234 -6.41 3.41 -20.05
N VAL B 235 -6.24 4.34 -20.98
CA VAL B 235 -7.18 4.46 -22.09
C VAL B 235 -7.22 3.17 -22.89
N LEU B 236 -6.04 2.62 -23.17
CA LEU B 236 -5.97 1.38 -23.93
C LEU B 236 -6.58 0.22 -23.16
N SER B 237 -6.38 0.17 -21.84
CA SER B 237 -6.98 -0.91 -21.05
C SER B 237 -8.51 -0.87 -21.13
N LEU B 238 -9.08 0.34 -21.11
CA LEU B 238 -10.53 0.53 -21.18
C LEU B 238 -11.10 0.12 -22.52
N VAL B 239 -10.39 0.42 -23.60
CA VAL B 239 -10.79 -0.06 -24.91
C VAL B 239 -10.77 -1.58 -24.92
N HIS B 240 -9.70 -2.17 -24.40
CA HIS B 240 -9.53 -3.62 -24.50
C HIS B 240 -10.54 -4.38 -23.65
N HIS B 241 -10.67 -3.98 -22.40
CA HIS B 241 -11.50 -4.68 -21.42
C HIS B 241 -12.91 -4.10 -21.33
N GLY B 242 -13.08 -2.84 -21.68
CA GLY B 242 -14.40 -2.24 -21.66
C GLY B 242 -15.03 -2.35 -23.03
N LEU B 244 -14.98 -0.10 -25.08
CA LEU B 244 -15.28 1.29 -25.37
C LEU B 244 -14.51 1.70 -26.62
N THR B 245 -15.04 2.67 -27.35
CA THR B 245 -14.26 3.30 -28.39
C THR B 245 -13.16 4.15 -27.75
N GLY B 246 -12.25 4.62 -28.59
CA GLY B 246 -11.18 5.47 -28.13
C GLY B 246 -11.74 6.70 -27.44
N PRO B 247 -12.62 7.44 -28.13
CA PRO B 247 -13.22 8.62 -27.51
C PRO B 247 -13.96 8.32 -26.21
N GLU B 248 -14.70 7.20 -26.16
CA GLU B 248 -15.38 6.86 -24.91
C GLU B 248 -14.37 6.63 -23.80
N ALA B 249 -13.29 5.91 -24.10
CA ALA B 249 -12.28 5.67 -23.08
C ALA B 249 -11.62 6.96 -22.61
N VAL B 250 -11.36 7.90 -23.53
CA VAL B 250 -10.75 9.17 -23.14
C VAL B 250 -11.70 9.95 -22.22
N THR B 251 -12.99 9.97 -22.53
CA THR B 251 -13.97 10.62 -21.67
C THR B 251 -14.00 9.99 -20.30
N ARG B 252 -13.94 8.67 -20.23
CA ARG B 252 -13.92 7.99 -18.95
C ARG B 252 -12.74 8.45 -18.12
N VAL B 253 -11.57 8.61 -18.74
CA VAL B 253 -10.40 9.02 -17.96
C VAL B 253 -10.56 10.48 -17.54
N CYS B 254 -11.07 11.34 -18.43
CA CYS B 254 -11.34 12.72 -18.03
C CYS B 254 -12.32 12.78 -16.85
N ASP B 255 -13.36 11.94 -16.87
CA ASP B 255 -14.28 11.89 -15.73
C ASP B 255 -13.57 11.46 -14.46
N LEU B 256 -12.61 10.54 -14.55
CA LEU B 256 -11.82 10.15 -13.38
C LEU B 256 -11.08 11.34 -12.79
N VAL B 257 -10.45 12.14 -13.66
CA VAL B 257 -9.70 13.29 -13.15
C VAL B 257 -10.63 14.30 -12.51
N GLN B 258 -11.72 14.64 -13.20
CA GLN B 258 -12.63 15.63 -12.63
C GLN B 258 -13.27 15.11 -11.35
N GLY B 259 -13.66 13.83 -11.32
CA GLY B 259 -14.24 13.27 -10.10
C GLY B 259 -13.25 13.26 -8.94
N SER B 260 -11.98 13.05 -9.22
CA SER B 260 -10.97 13.06 -8.17
C SER B 260 -10.77 14.46 -7.60
N ILE B 261 -10.79 15.47 -8.47
CA ILE B 261 -10.67 16.84 -8.00
C ILE B 261 -11.88 17.19 -7.14
N GLU B 262 -13.09 16.81 -7.60
CA GLU B 262 -14.29 17.12 -6.83
C GLU B 262 -14.25 16.40 -5.48
N SER B 263 -13.81 15.14 -5.45
CA SER B 263 -13.69 14.43 -4.18
C SER B 263 -12.69 15.09 -3.24
N PHE B 264 -11.51 15.46 -3.76
CA PHE B 264 -10.54 16.18 -2.97
C PHE B 264 -11.15 17.43 -2.33
N LEU B 265 -11.92 18.20 -3.10
CA LEU B 265 -12.52 19.41 -2.55
C LEU B 265 -13.55 19.08 -1.48
N ARG B 266 -14.34 18.02 -1.67
CA ARG B 266 -15.29 17.64 -0.62
C ARG B 266 -14.54 17.27 0.65
N LEU B 267 -13.45 16.50 0.53
CA LEU B 267 -12.65 16.16 1.71
C LEU B 267 -12.06 17.41 2.35
N ARG B 268 -11.54 18.33 1.54
CA ARG B 268 -10.97 19.55 2.06
C ARG B 268 -11.99 20.37 2.84
N SER B 269 -13.27 20.34 2.41
CA SER B 269 -14.27 21.12 3.12
C SER B 269 -14.51 20.63 4.55
N GLY B 270 -14.06 19.43 4.89
CA GLY B 270 -14.15 18.89 6.23
C GLY B 270 -12.94 19.13 7.12
N LEU B 271 -11.96 19.89 6.66
CA LEU B 271 -10.79 20.08 7.50
C LEU B 271 -11.06 20.87 8.78
N PRO B 272 -11.94 21.87 8.79
CA PRO B 272 -12.25 22.52 10.09
C PRO B 272 -12.77 21.53 11.13
N GLU B 273 -13.67 20.63 10.76
CA GLU B 273 -14.17 19.65 11.72
C GLU B 273 -13.07 18.68 12.13
N LEU B 274 -12.25 18.25 11.18
CA LEU B 274 -11.12 17.39 11.53
C LEU B 274 -10.25 18.08 12.57
N GLY B 275 -9.92 19.35 12.33
CA GLY B 275 -9.10 20.10 13.27
C GLY B 275 -9.74 20.23 14.65
N ARG B 276 -11.05 20.49 14.70
CA ARG B 276 -11.72 20.57 15.99
C ARG B 276 -11.78 19.20 16.66
N ALA B 277 -12.08 18.15 15.90
CA ALA B 277 -12.21 16.82 16.49
C ALA B 277 -10.87 16.34 17.08
N LEU B 278 -9.77 16.66 16.43
CA LEU B 278 -8.46 16.15 16.84
C LEU B 278 -7.64 17.14 17.65
N GLY B 279 -8.13 18.36 17.87
CA GLY B 279 -7.32 19.38 18.51
C GLY B 279 -6.09 19.77 17.70
N VAL B 280 -6.23 19.87 16.37
CA VAL B 280 -5.14 20.23 15.48
C VAL B 280 -5.42 21.60 14.88
N GLU B 281 -4.40 22.47 14.88
CA GLU B 281 -4.54 23.81 14.33
C GLU B 281 -5.00 23.80 12.88
N GLY B 282 -5.98 24.63 12.56
CA GLY B 282 -6.48 24.69 11.19
C GLY B 282 -5.43 25.08 10.18
N ALA B 283 -4.46 25.92 10.57
CA ALA B 283 -3.47 26.45 9.62
C ALA B 283 -2.61 25.35 9.01
N VAL B 284 -2.13 24.39 9.80
CA VAL B 284 -1.26 23.37 9.23
C VAL B 284 -2.04 22.46 8.28
N LEU B 285 -3.32 22.21 8.56
CA LEU B 285 -4.11 21.38 7.66
C LEU B 285 -4.32 22.08 6.32
N ASP B 286 -4.62 23.39 6.36
CA ASP B 286 -4.79 24.14 5.12
C ASP B 286 -3.48 24.20 4.35
N ARG B 287 -2.36 24.35 5.05
CA ARG B 287 -1.07 24.37 4.39
CA ARG B 287 -1.04 24.35 4.42
C ARG B 287 -0.79 23.04 3.69
N TYR B 288 -1.12 21.94 4.34
CA TYR B 288 -0.93 20.64 3.73
C TYR B 288 -1.83 20.47 2.52
N ALA B 289 -3.11 20.83 2.68
CA ALA B 289 -4.04 20.76 1.56
C ALA B 289 -3.58 21.60 0.38
N ASP B 290 -3.07 22.82 0.64
CA ASP B 290 -2.54 23.67 -0.41
C ASP B 290 -1.34 23.03 -1.12
N ALA B 291 -0.51 22.28 -0.38
CA ALA B 291 0.65 21.63 -0.98
C ALA B 291 0.21 20.51 -1.92
N LEU B 292 -0.81 19.72 -1.53
CA LEU B 292 -1.30 18.67 -2.41
C LEU B 292 -1.88 19.28 -3.68
N SER B 293 -2.69 20.34 -3.53
CA SER B 293 -3.29 21.00 -4.68
C SER B 293 -2.23 21.64 -5.58
N ALA B 294 -1.21 22.25 -4.98
CA ALA B 294 -0.14 22.86 -5.76
C ALA B 294 0.62 21.80 -6.54
N PHE B 295 0.83 20.63 -5.93
CA PHE B 295 1.50 19.57 -6.66
C PHE B 295 0.68 19.15 -7.87
N CYS B 296 -0.62 18.94 -7.66
CA CYS B 296 -1.50 18.51 -8.74
C CYS B 296 -1.55 19.55 -9.85
N ARG B 297 -1.76 20.82 -9.48
CA ARG B 297 -1.75 21.91 -10.47
C ARG B 297 -0.40 22.03 -11.16
N GLY B 298 0.70 21.85 -10.41
CA GLY B 298 2.01 21.90 -11.02
C GLY B 298 2.21 20.80 -12.05
N TYR B 299 1.82 19.56 -11.72
CA TYR B 299 1.92 18.51 -12.72
C TYR B 299 1.03 18.82 -13.91
N HIS B 300 -0.18 19.33 -13.64
CA HIS B 300 -1.11 19.65 -14.72
C HIS B 300 -0.49 20.62 -15.70
N ASP B 301 0.03 21.75 -15.19
CA ASP B 301 0.60 22.76 -16.06
C ASP B 301 1.87 22.27 -16.74
N TRP B 302 2.74 21.56 -16.00
CA TRP B 302 3.97 21.04 -16.62
C TRP B 302 3.64 20.03 -17.72
N GLY B 303 2.80 19.05 -17.39
CA GLY B 303 2.50 18.00 -18.36
C GLY B 303 1.77 18.48 -19.59
N ARG B 304 1.02 19.58 -19.46
CA ARG B 304 0.32 20.11 -20.63
C ARG B 304 1.31 20.79 -21.57
N GLY B 305 2.42 21.28 -21.05
CA GLY B 305 3.49 21.82 -21.88
C GLY B 305 4.64 20.85 -22.00
N SER B 307 7.18 18.44 -23.68
CA SER B 307 7.63 17.96 -24.99
C SER B 307 7.85 16.44 -24.95
N ARG B 308 8.07 15.93 -23.74
CA ARG B 308 8.18 14.49 -23.53
C ARG B 308 7.04 13.73 -24.19
N TYR B 309 5.84 14.32 -24.21
CA TYR B 309 4.67 13.66 -24.76
C TYR B 309 4.29 14.25 -26.10
MG MG C . -11.23 -10.49 19.33
C1 0FV D . -12.03 -9.61 14.98
O1 0FV D . -13.10 -10.51 15.29
C2 0FV D . -11.82 -9.74 13.49
F2 0FV D . -12.96 -9.60 12.79
C3 0FV D . -10.64 -9.95 12.86
C4 0FV D . -9.34 -10.03 13.61
C5 0FV D . -10.57 -10.14 11.38
C6 0FV D . -10.57 -11.64 11.03
C7 0FV D . -10.27 -11.87 9.58
C8 0FV D . -9.38 -12.68 9.03
C9 0FV D . -9.18 -12.74 7.55
C10 0FV D . -8.47 -13.58 9.81
PA 0FV D . -13.67 -10.64 16.77
O1A 0FV D . -12.51 -11.01 17.70
O2A 0FV D . -14.74 -11.65 16.89
O3A 0FV D . -14.23 -9.21 17.20
PB 0FV D . -13.95 -8.26 18.46
O1B 0FV D . -14.78 -8.70 19.61
O2B 0FV D . -14.28 -6.84 17.99
O3B 0FV D . -12.45 -8.34 18.72
CL CL E . 11.82 -15.05 -11.17
C1 GOL F . -12.45 8.93 -3.33
O1 GOL F . -11.63 7.88 -3.71
C2 GOL F . -12.71 8.74 -1.82
O2 GOL F . -12.50 7.44 -1.41
C3 GOL F . -11.73 9.67 -1.12
O3 GOL F . -11.75 9.28 0.25
C1 GOL G . -2.91 8.21 15.27
O1 GOL G . -1.58 8.10 14.89
C2 GOL G . -2.86 8.74 16.71
O2 GOL G . -1.73 9.58 16.90
C3 GOL G . -4.23 9.43 16.98
O3 GOL G . -4.95 8.57 17.79
P PO4 H . 5.82 8.79 -18.06
O1 PO4 H . 6.84 7.90 -18.73
O2 PO4 H . 6.26 10.23 -18.18
O3 PO4 H . 5.69 8.42 -16.60
O4 PO4 H . 4.48 8.61 -18.74
CL CL I . -0.60 13.66 17.24
C1 GOL J . -10.32 -6.38 -9.82
O1 GOL J . -10.43 -5.02 -9.55
C2 GOL J . -9.42 -6.52 -11.07
O2 GOL J . -8.61 -5.44 -11.24
C3 GOL J . -8.60 -7.81 -10.86
O3 GOL J . -7.67 -7.86 -11.90
C1 GOL K . 9.80 -9.11 -11.90
O1 GOL K . 10.04 -9.51 -10.61
C2 GOL K . 11.02 -9.51 -12.74
O2 GOL K . 11.71 -10.58 -12.15
C3 GOL K . 10.45 -9.86 -14.13
O3 GOL K . 11.53 -9.97 -14.99
C1 GOL L . -3.25 -8.84 -15.90
O1 GOL L . -2.34 -9.82 -16.19
C2 GOL L . -4.65 -9.35 -16.35
O2 GOL L . -4.88 -10.67 -15.91
C3 GOL L . -5.71 -8.32 -15.78
O3 GOL L . -5.03 -7.21 -15.26
#